data_5U66
#
_entry.id   5U66
#
_cell.length_a   49.165
_cell.length_b   126.812
_cell.length_c   91.927
_cell.angle_alpha   90.00
_cell.angle_beta   90.00
_cell.angle_gamma   90.00
#
_symmetry.space_group_name_H-M   'C 2 2 21'
#
loop_
_entity.id
_entity.type
_entity.pdbx_description
1 polymer 'STAPLED PEPTIDE FROM DOMAIN B OF PROTEIN A'
2 polymer 'IgG1 fc derived from CD4-fc fusion'
3 branched beta-D-galactopyranose-(1-4)-2-acetamido-2-deoxy-beta-D-glucopyranose-(1-2)-alpha-D-mannopyranose-(1-6)-[alpha-D-mannopyranose-(1-3)]beta-D-mannopyranose-(1-4)-2-acetamido-2-deoxy-beta-D-glucopyranose-(1-4)-2-acetamido-2-deoxy-beta-D-glucopyranose
4 water water
#
loop_
_entity_poly.entity_id
_entity_poly.type
_entity_poly.pdbx_seq_one_letter_code
_entity_poly.pdbx_strand_id
1 'polypeptide(L)' (SIN)FNM(85J)QQRRFY(85G)ALH B
2 'polypeptide(L)'
;GPSVFLFPPKPKDTLMISRTPEVTCVVVDVSHEDPEVKFNWYVDGVEVHNAKTKPREEQYNSTYRVVSVLTVLHQDWLNG
KEYKCKVSNKALPAPIEKTISKAKGQPREPQVYTLPPSREEMTKNQVSLTCLVKGFYPSDIAVEWESNGQPENNYKTTPP
VLDSDGSFFLYSKLTVDKSRWQQGNVFSCSVMHEALHNHYTQKSLSL
;
A
#
# COMPACT_ATOMS: atom_id res chain seq x y z
N PHE A 2 -16.41 -3.66 -0.81
CA PHE A 2 -15.96 -4.89 -1.58
C PHE A 2 -16.81 -6.13 -1.30
N ASN A 3 -16.64 -7.13 -2.17
CA ASN A 3 -17.39 -8.37 -2.07
C ASN A 3 -16.72 -9.31 -1.03
N MET A 4 -17.36 -9.45 0.13
CA MET A 4 -16.77 -10.21 1.26
C MET A 4 -16.69 -11.71 0.95
N GLN A 6 -16.20 -13.16 -2.02
CA GLN A 6 -15.12 -13.40 -2.92
C GLN A 6 -13.80 -13.30 -2.19
N GLN A 7 -13.70 -12.34 -1.29
CA GLN A 7 -12.46 -12.24 -0.44
C GLN A 7 -12.24 -13.46 0.37
N ARG A 8 -13.27 -13.95 1.02
CA ARG A 8 -13.14 -15.24 1.80
C ARG A 8 -12.70 -16.43 0.94
N ARG A 9 -13.28 -16.57 -0.27
CA ARG A 9 -12.91 -17.67 -1.16
C ARG A 9 -11.45 -17.54 -1.59
N PHE A 10 -11.00 -16.30 -1.79
CA PHE A 10 -9.63 -16.02 -2.23
C PHE A 10 -8.66 -16.49 -1.12
N TYR A 11 -8.95 -16.04 0.08
CA TYR A 11 -8.01 -16.29 1.23
C TYR A 11 -7.91 -17.82 1.40
N ALA A 13 -8.35 -20.21 -0.76
CA ALA A 13 -7.78 -20.89 -1.87
C ALA A 13 -6.33 -20.46 -2.15
N LEU A 14 -5.74 -19.61 -1.29
CA LEU A 14 -4.47 -18.93 -1.61
C LEU A 14 -3.26 -19.82 -2.05
N HIS A 15 -3.22 -21.00 -1.48
CA HIS A 15 -2.31 -22.02 -1.90
C HIS A 15 -2.75 -23.04 -2.98
N GLY B 1 24.44 9.25 -15.81
CA GLY B 1 23.47 8.33 -16.51
C GLY B 1 22.09 8.34 -15.85
N PRO B 2 21.11 7.66 -16.46
CA PRO B 2 19.88 7.59 -15.69
C PRO B 2 20.01 6.70 -14.46
N SER B 3 18.96 6.80 -13.66
CA SER B 3 18.83 6.17 -12.37
C SER B 3 17.47 5.44 -12.35
N VAL B 4 17.39 4.35 -11.60
CA VAL B 4 16.22 3.46 -11.67
C VAL B 4 15.79 3.20 -10.25
N PHE B 5 14.48 3.34 -10.01
CA PHE B 5 13.85 3.04 -8.76
C PHE B 5 12.69 2.10 -9.00
N LEU B 6 12.53 1.15 -8.09
CA LEU B 6 11.59 0.07 -8.29
C LEU B 6 10.68 -0.05 -7.09
N PHE B 7 9.37 -0.01 -7.31
CA PHE B 7 8.39 0.21 -6.22
C PHE B 7 7.41 -0.95 -6.11
N PRO B 8 7.07 -1.36 -4.85
CA PRO B 8 6.17 -2.48 -4.64
C PRO B 8 4.71 -2.09 -4.85
N PRO B 9 3.86 -3.09 -4.86
CA PRO B 9 2.42 -2.72 -4.90
C PRO B 9 1.96 -2.11 -3.57
N LYS B 10 0.82 -1.41 -3.60
CA LYS B 10 0.18 -0.94 -2.36
C LYS B 10 -0.21 -2.15 -1.54
N PRO B 11 0.03 -2.10 -0.18
CA PRO B 11 -0.39 -3.27 0.62
C PRO B 11 -1.83 -3.79 0.39
N LYS B 12 -2.77 -2.86 0.34
CA LYS B 12 -4.18 -3.23 0.18
C LYS B 12 -4.32 -4.06 -1.12
N ASP B 13 -3.62 -3.64 -2.17
CA ASP B 13 -3.83 -4.23 -3.51
C ASP B 13 -3.36 -5.64 -3.57
N THR B 14 -2.31 -5.98 -2.81
CA THR B 14 -1.82 -7.33 -2.68
C THR B 14 -2.73 -8.26 -1.84
N LEU B 15 -3.49 -7.68 -0.95
CA LEU B 15 -4.25 -8.43 0.02
C LEU B 15 -5.71 -8.66 -0.38
N MET B 16 -6.23 -7.78 -1.25
CA MET B 16 -7.68 -7.79 -1.52
C MET B 16 -7.96 -8.15 -2.99
N ILE B 17 -8.67 -9.26 -3.20
CA ILE B 17 -8.87 -9.83 -4.53
C ILE B 17 -9.67 -8.94 -5.43
N SER B 18 -10.34 -7.97 -4.87
CA SER B 18 -11.09 -6.93 -5.66
C SER B 18 -10.13 -5.99 -6.41
N ARG B 19 -8.86 -5.91 -5.99
CA ARG B 19 -7.87 -4.97 -6.47
C ARG B 19 -6.89 -5.61 -7.42
N THR B 20 -6.12 -4.79 -8.08
CA THR B 20 -5.07 -5.27 -9.00
C THR B 20 -3.69 -4.76 -8.59
N PRO B 21 -2.86 -5.59 -8.01
CA PRO B 21 -1.55 -5.12 -7.55
C PRO B 21 -0.53 -4.99 -8.68
N GLU B 22 0.31 -3.95 -8.63
CA GLU B 22 1.32 -3.77 -9.65
C GLU B 22 2.66 -3.25 -9.06
N VAL B 23 3.71 -3.71 -9.68
CA VAL B 23 5.07 -3.30 -9.46
C VAL B 23 5.46 -2.23 -10.49
N THR B 24 6.13 -1.17 -10.05
CA THR B 24 6.37 0.04 -10.83
C THR B 24 7.89 0.39 -10.92
N CYS B 25 8.41 0.45 -12.15
CA CYS B 25 9.85 0.80 -12.42
C CYS B 25 9.98 2.18 -13.06
N VAL B 26 10.59 3.11 -12.34
CA VAL B 26 10.71 4.50 -12.74
C VAL B 26 12.14 4.77 -13.13
N VAL B 27 12.35 5.24 -14.36
CA VAL B 27 13.67 5.69 -14.81
C VAL B 27 13.69 7.20 -14.85
N VAL B 28 14.62 7.81 -14.09
CA VAL B 28 14.81 9.26 -14.04
C VAL B 28 16.13 9.69 -14.63
N ASP B 29 16.32 11.02 -14.71
CA ASP B 29 17.57 11.63 -15.22
C ASP B 29 17.91 11.06 -16.61
N VAL B 30 16.88 10.97 -17.42
CA VAL B 30 17.03 10.62 -18.82
C VAL B 30 17.23 11.93 -19.61
N SER B 31 18.26 11.97 -20.47
CA SER B 31 18.63 13.21 -21.14
C SER B 31 17.73 13.51 -22.35
N HIS B 32 17.52 14.80 -22.63
CA HIS B 32 16.84 15.21 -23.91
C HIS B 32 17.38 14.53 -25.16
N GLU B 33 18.71 14.44 -25.27
CA GLU B 33 19.35 13.96 -26.50
C GLU B 33 19.11 12.46 -26.72
N ASP B 34 19.17 11.65 -25.66
CA ASP B 34 18.88 10.22 -25.77
C ASP B 34 17.76 9.90 -24.85
N PRO B 35 16.54 9.90 -25.36
CA PRO B 35 15.51 9.54 -24.42
C PRO B 35 14.95 8.14 -24.64
N GLU B 36 15.50 7.39 -25.63
CA GLU B 36 15.00 6.02 -25.84
C GLU B 36 15.36 5.05 -24.69
N VAL B 37 14.34 4.49 -24.02
CA VAL B 37 14.54 3.53 -22.89
C VAL B 37 13.78 2.23 -23.16
N LYS B 38 14.43 1.08 -23.01
CA LYS B 38 13.77 -0.25 -23.09
C LYS B 38 13.65 -0.78 -21.68
N PHE B 39 12.58 -1.57 -21.45
CA PHE B 39 12.39 -2.32 -20.21
C PHE B 39 12.32 -3.82 -20.51
N ASN B 40 12.93 -4.62 -19.66
CA ASN B 40 12.68 -6.08 -19.56
C ASN B 40 12.27 -6.46 -18.11
N TRP B 41 11.28 -7.34 -17.96
CA TRP B 41 10.76 -7.78 -16.61
C TRP B 41 10.95 -9.28 -16.41
N TYR B 42 11.23 -9.71 -15.18
CA TYR B 42 11.37 -11.14 -14.82
C TYR B 42 10.69 -11.49 -13.45
N VAL B 43 10.14 -12.71 -13.32
CA VAL B 43 9.54 -13.22 -12.08
C VAL B 43 10.22 -14.53 -11.73
N ASP B 44 10.92 -14.55 -10.57
CA ASP B 44 11.83 -15.66 -10.17
C ASP B 44 12.77 -16.12 -11.30
N GLY B 45 13.38 -15.14 -11.97
CA GLY B 45 14.29 -15.42 -13.09
C GLY B 45 13.67 -15.58 -14.49
N VAL B 46 12.36 -15.82 -14.55
CA VAL B 46 11.67 -16.11 -15.83
C VAL B 46 11.08 -14.85 -16.46
N GLU B 47 11.48 -14.56 -17.69
CA GLU B 47 11.01 -13.35 -18.36
C GLU B 47 9.49 -13.42 -18.61
N VAL B 48 8.84 -12.26 -18.50
CA VAL B 48 7.40 -12.12 -18.63
C VAL B 48 7.18 -10.89 -19.49
N HIS B 49 6.07 -10.90 -20.21
CA HIS B 49 5.87 -9.93 -21.27
C HIS B 49 4.50 -9.27 -21.17
N ASN B 50 4.02 -9.02 -19.94
CA ASN B 50 2.74 -8.37 -19.82
C ASN B 50 2.82 -6.95 -19.31
N ALA B 51 4.05 -6.42 -19.11
CA ALA B 51 4.23 -5.02 -18.65
C ALA B 51 3.72 -4.03 -19.66
N LYS B 52 3.31 -2.87 -19.14
CA LYS B 52 2.82 -1.79 -19.97
C LYS B 52 3.65 -0.55 -19.68
N THR B 53 4.40 -0.11 -20.70
CA THR B 53 5.33 1.01 -20.55
C THR B 53 4.71 2.34 -20.97
N LYS B 54 4.78 3.35 -20.10
CA LYS B 54 4.18 4.68 -20.37
C LYS B 54 5.04 5.48 -21.38
N PRO B 55 4.43 6.50 -22.04
CA PRO B 55 5.23 7.39 -22.90
C PRO B 55 6.10 8.34 -22.08
N ARG B 56 7.33 8.59 -22.52
CA ARG B 56 8.28 9.42 -21.75
C ARG B 56 7.64 10.77 -21.41
N GLU B 57 8.04 11.39 -20.31
CA GLU B 57 7.51 12.69 -19.91
C GLU B 57 8.64 13.61 -19.44
N GLU B 58 8.64 14.84 -19.97
CA GLU B 58 9.69 15.84 -19.66
C GLU B 58 9.50 16.36 -18.25
N GLN B 59 10.60 16.75 -17.63
CA GLN B 59 10.55 17.36 -16.31
C GLN B 59 10.84 18.86 -16.37
N TYR B 60 10.49 19.51 -15.27
CA TYR B 60 10.73 20.93 -15.05
C TYR B 60 12.22 21.22 -14.82
N ASN B 61 13.06 20.18 -14.79
CA ASN B 61 14.54 20.31 -14.82
C ASN B 61 15.21 19.73 -16.09
N SER B 62 14.61 19.94 -17.25
CA SER B 62 15.24 19.58 -18.56
C SER B 62 15.47 18.08 -18.84
N THR B 63 15.11 17.20 -17.91
CA THR B 63 15.34 15.76 -18.03
C THR B 63 14.02 15.02 -18.20
N TYR B 64 14.12 13.77 -18.66
CA TYR B 64 12.95 12.91 -18.85
C TYR B 64 12.79 11.89 -17.66
N ARG B 65 11.58 11.35 -17.61
CA ARG B 65 11.18 10.30 -16.67
C ARG B 65 10.29 9.33 -17.42
N VAL B 66 10.62 8.05 -17.37
CA VAL B 66 9.90 7.01 -18.10
C VAL B 66 9.44 5.99 -17.04
N VAL B 67 8.20 5.52 -17.12
CA VAL B 67 7.65 4.61 -16.07
C VAL B 67 7.04 3.40 -16.77
N SER B 68 7.46 2.21 -16.34
CA SER B 68 6.86 0.91 -16.71
C SER B 68 6.10 0.23 -15.55
N VAL B 69 4.92 -0.31 -15.88
CA VAL B 69 4.06 -0.94 -14.84
C VAL B 69 3.80 -2.42 -15.12
N LEU B 70 4.13 -3.26 -14.16
CA LEU B 70 3.80 -4.69 -14.23
C LEU B 70 2.68 -5.17 -13.27
N THR B 71 1.58 -5.69 -13.84
CA THR B 71 0.51 -6.31 -13.07
C THR B 71 0.98 -7.64 -12.54
N VAL B 72 0.80 -7.89 -11.23
CA VAL B 72 1.19 -9.17 -10.63
C VAL B 72 0.03 -9.92 -9.97
N LEU B 73 0.26 -11.21 -9.73
CA LEU B 73 -0.75 -12.02 -9.06
C LEU B 73 -0.65 -11.85 -7.54
N HIS B 74 -1.78 -11.70 -6.85
CA HIS B 74 -1.80 -11.46 -5.35
C HIS B 74 -1.02 -12.55 -4.68
N GLN B 75 -1.31 -13.79 -5.09
CA GLN B 75 -0.80 -14.94 -4.34
C GLN B 75 0.71 -15.05 -4.53
N ASP B 76 1.14 -14.71 -5.72
CA ASP B 76 2.59 -14.72 -6.00
C ASP B 76 3.33 -13.71 -5.16
N TRP B 77 2.80 -12.51 -5.08
CA TRP B 77 3.50 -11.50 -4.31
C TRP B 77 3.50 -11.93 -2.84
N LEU B 78 2.34 -12.36 -2.37
CA LEU B 78 2.19 -12.78 -0.97
C LEU B 78 3.05 -14.01 -0.61
N ASN B 79 3.26 -14.90 -1.57
CA ASN B 79 4.03 -16.16 -1.32
C ASN B 79 5.55 -15.96 -1.58
N GLY B 80 5.98 -14.71 -1.79
CA GLY B 80 7.43 -14.39 -1.80
C GLY B 80 8.18 -14.46 -3.14
N LYS B 81 7.48 -14.48 -4.29
CA LYS B 81 8.22 -14.40 -5.57
C LYS B 81 8.93 -13.06 -5.73
N GLU B 82 10.03 -13.08 -6.51
CA GLU B 82 10.88 -11.90 -6.76
C GLU B 82 10.65 -11.27 -8.16
N TYR B 83 10.57 -9.94 -8.22
CA TYR B 83 10.32 -9.19 -9.44
C TYR B 83 11.55 -8.31 -9.83
N LYS B 84 12.07 -8.57 -11.04
CA LYS B 84 13.24 -7.86 -11.57
C LYS B 84 12.90 -6.98 -12.79
N CYS B 85 13.22 -5.68 -12.71
CA CYS B 85 13.17 -4.71 -13.83
C CYS B 85 14.61 -4.35 -14.34
N LYS B 86 14.83 -4.57 -15.64
CA LYS B 86 16.10 -4.24 -16.34
C LYS B 86 15.87 -3.06 -17.29
N VAL B 87 16.69 -2.01 -17.13
CA VAL B 87 16.55 -0.77 -17.90
C VAL B 87 17.75 -0.52 -18.81
N SER B 88 17.44 -0.22 -20.08
CA SER B 88 18.44 -0.05 -21.18
C SER B 88 18.30 1.34 -21.83
N ASN B 89 19.40 2.04 -22.08
CA ASN B 89 19.45 3.44 -22.61
C ASN B 89 20.87 3.65 -23.07
N LYS B 90 21.09 4.41 -24.15
CA LYS B 90 22.48 4.59 -24.69
C LYS B 90 23.43 5.25 -23.69
N ALA B 91 22.99 6.30 -23.02
CA ALA B 91 23.84 6.99 -22.01
C ALA B 91 24.25 6.15 -20.79
N LEU B 92 23.88 4.88 -20.73
CA LEU B 92 24.44 3.96 -19.72
C LEU B 92 25.61 3.18 -20.30
N PRO B 93 26.66 2.90 -19.49
CA PRO B 93 27.62 1.85 -19.85
C PRO B 93 26.90 0.53 -20.08
N ALA B 94 26.21 0.00 -19.08
CA ALA B 94 25.48 -1.27 -19.20
C ALA B 94 24.08 -1.07 -18.62
N PRO B 95 23.16 -2.05 -18.83
CA PRO B 95 21.75 -1.99 -18.32
C PRO B 95 21.70 -1.98 -16.81
N ILE B 96 20.82 -1.17 -16.23
CA ILE B 96 20.65 -1.20 -14.78
C ILE B 96 19.57 -2.19 -14.40
N GLU B 97 19.81 -2.89 -13.31
CA GLU B 97 18.95 -3.98 -12.88
C GLU B 97 18.50 -3.77 -11.42
N LYS B 98 17.23 -4.01 -11.11
CA LYS B 98 16.67 -3.82 -9.77
C LYS B 98 15.70 -4.94 -9.48
N THR B 99 15.72 -5.49 -8.25
CA THR B 99 14.83 -6.59 -7.88
C THR B 99 14.15 -6.26 -6.56
N ILE B 100 12.86 -6.64 -6.46
CA ILE B 100 12.05 -6.56 -5.20
C ILE B 100 11.15 -7.77 -4.91
N SER B 101 10.78 -7.91 -3.64
CA SER B 101 9.84 -8.92 -3.18
C SER B 101 9.28 -8.49 -1.82
N LYS B 102 8.24 -9.20 -1.36
CA LYS B 102 7.53 -8.90 -0.09
C LYS B 102 8.53 -8.90 1.09
N ALA B 103 8.32 -7.98 2.03
CA ALA B 103 9.21 -7.93 3.18
C ALA B 103 9.25 -9.30 3.83
N LYS B 104 10.41 -9.70 4.27
CA LYS B 104 10.55 -10.98 4.96
C LYS B 104 10.34 -10.88 6.46
N GLY B 105 10.23 -12.03 7.08
CA GLY B 105 10.09 -12.14 8.57
C GLY B 105 8.79 -12.79 9.02
N GLN B 106 8.81 -13.42 10.20
CA GLN B 106 7.66 -14.13 10.76
C GLN B 106 6.44 -13.23 10.95
N PRO B 107 5.33 -13.53 10.24
CA PRO B 107 4.18 -12.60 10.39
C PRO B 107 3.51 -12.66 11.77
N ARG B 108 3.05 -11.53 12.23
CA ARG B 108 2.24 -11.49 13.47
C ARG B 108 0.98 -10.65 13.22
N GLU B 109 -0.08 -11.11 13.83
CA GLU B 109 -1.42 -10.55 13.63
C GLU B 109 -1.66 -9.19 14.34
N PRO B 110 -2.11 -8.14 13.64
CA PRO B 110 -2.50 -6.87 14.31
C PRO B 110 -3.67 -7.04 15.30
N GLN B 111 -3.57 -6.38 16.43
CA GLN B 111 -4.67 -6.21 17.37
C GLN B 111 -5.21 -4.79 17.12
N VAL B 112 -6.52 -4.68 17.01
CA VAL B 112 -7.18 -3.42 16.58
C VAL B 112 -8.14 -2.94 17.67
N TYR B 113 -7.97 -1.67 18.12
CA TYR B 113 -8.71 -1.08 19.23
C TYR B 113 -9.22 0.30 18.84
N THR B 114 -10.51 0.58 19.01
CA THR B 114 -11.07 1.90 18.75
C THR B 114 -11.23 2.71 19.98
N LEU B 115 -10.90 4.01 19.87
CA LEU B 115 -10.83 4.92 21.04
C LEU B 115 -11.66 6.13 20.76
N PRO B 116 -12.66 6.44 21.62
CA PRO B 116 -13.53 7.55 21.36
C PRO B 116 -12.83 8.87 21.62
N PRO B 117 -13.42 9.98 21.15
CA PRO B 117 -12.80 11.31 21.43
C PRO B 117 -12.85 11.67 22.85
N SER B 118 -11.83 12.41 23.27
CA SER B 118 -11.72 12.96 24.61
C SER B 118 -12.89 13.91 24.92
N ARG B 119 -13.35 13.86 26.17
CA ARG B 119 -14.29 14.88 26.75
C ARG B 119 -13.80 16.29 26.52
N GLU B 120 -12.47 16.50 26.56
CA GLU B 120 -11.97 17.87 26.49
C GLU B 120 -12.03 18.36 25.06
N GLU B 121 -12.10 17.45 24.06
CA GLU B 121 -12.22 17.84 22.65
C GLU B 121 -13.65 18.27 22.24
N MET B 122 -14.63 18.08 23.12
CA MET B 122 -16.03 18.47 22.82
C MET B 122 -16.34 19.99 22.77
N THR B 123 -15.39 20.80 23.21
CA THR B 123 -15.52 22.23 23.08
C THR B 123 -15.37 22.59 21.60
N LYS B 124 -14.91 21.63 20.77
CA LYS B 124 -14.70 21.85 19.34
C LYS B 124 -15.90 21.44 18.47
N ASN B 125 -15.90 21.96 17.23
CA ASN B 125 -16.96 21.68 16.21
C ASN B 125 -16.72 20.34 15.52
N GLN B 126 -15.47 19.92 15.49
CA GLN B 126 -15.07 18.61 14.91
C GLN B 126 -14.36 17.78 15.95
N VAL B 127 -14.53 16.47 15.93
CA VAL B 127 -13.83 15.61 16.92
C VAL B 127 -13.05 14.47 16.24
N SER B 128 -12.19 13.81 16.99
CA SER B 128 -11.23 12.83 16.50
C SER B 128 -11.62 11.46 17.02
N LEU B 129 -11.80 10.54 16.10
CA LEU B 129 -12.07 9.11 16.38
C LEU B 129 -10.72 8.43 16.11
N THR B 130 -10.30 7.58 17.02
CA THR B 130 -8.97 6.99 16.95
C THR B 130 -9.01 5.43 16.78
N CYS B 131 -8.13 4.91 15.95
CA CYS B 131 -7.94 3.46 15.79
C CYS B 131 -6.49 3.14 16.04
N LEU B 132 -6.23 2.41 17.11
CA LEU B 132 -4.91 1.94 17.49
C LEU B 132 -4.76 0.52 16.87
N VAL B 133 -3.67 0.30 16.12
CA VAL B 133 -3.40 -1.02 15.51
C VAL B 133 -1.98 -1.40 15.97
N LYS B 134 -1.83 -2.53 16.68
CA LYS B 134 -0.53 -2.85 17.34
C LYS B 134 -0.17 -4.31 17.19
N GLY B 135 1.14 -4.62 17.36
CA GLY B 135 1.59 -5.99 17.39
C GLY B 135 1.75 -6.72 16.07
N PHE B 136 1.81 -5.95 14.95
CA PHE B 136 1.83 -6.57 13.62
C PHE B 136 3.23 -6.63 12.96
N TYR B 137 3.43 -7.62 12.15
CA TYR B 137 4.66 -7.79 11.37
C TYR B 137 4.32 -8.59 10.10
N PRO B 138 4.83 -8.21 8.90
CA PRO B 138 5.67 -7.06 8.62
C PRO B 138 4.85 -5.79 8.63
N SER B 139 5.48 -4.70 8.29
CA SER B 139 4.89 -3.34 8.46
C SER B 139 3.88 -2.96 7.39
N ASP B 140 3.85 -3.77 6.34
CA ASP B 140 2.85 -3.53 5.22
C ASP B 140 1.40 -3.69 5.67
N ILE B 141 0.64 -2.60 5.65
CA ILE B 141 -0.70 -2.60 6.22
C ILE B 141 -1.52 -1.55 5.57
N ALA B 142 -2.86 -1.74 5.57
CA ALA B 142 -3.79 -0.69 5.11
C ALA B 142 -4.91 -0.50 6.09
N VAL B 143 -5.30 0.77 6.34
CA VAL B 143 -6.35 1.11 7.26
C VAL B 143 -7.32 2.14 6.62
N GLU B 144 -8.62 1.88 6.80
CA GLU B 144 -9.71 2.71 6.22
C GLU B 144 -10.80 2.90 7.26
N TRP B 145 -11.77 3.80 6.97
CA TRP B 145 -12.90 4.00 7.84
C TRP B 145 -14.19 4.02 7.02
N GLU B 146 -15.26 3.58 7.66
CA GLU B 146 -16.61 3.59 7.04
C GLU B 146 -17.65 4.11 7.99
N SER B 147 -18.86 4.41 7.44
CA SER B 147 -20.01 4.60 8.28
C SER B 147 -21.20 4.27 7.44
N ASN B 148 -22.14 3.50 7.98
CA ASN B 148 -23.43 3.24 7.23
C ASN B 148 -23.21 2.80 5.78
N GLY B 149 -22.33 1.81 5.65
CA GLY B 149 -22.11 1.11 4.41
C GLY B 149 -21.05 1.72 3.53
N GLN B 150 -20.59 2.93 3.86
CA GLN B 150 -19.91 3.79 2.88
C GLN B 150 -18.60 4.35 3.43
N PRO B 151 -17.67 4.60 2.54
CA PRO B 151 -16.38 5.04 3.04
C PRO B 151 -16.41 6.43 3.64
N GLU B 152 -15.61 6.60 4.68
CA GLU B 152 -15.35 7.94 5.22
C GLU B 152 -13.95 8.33 4.78
N ASN B 153 -13.76 9.52 4.20
CA ASN B 153 -12.47 9.88 3.64
C ASN B 153 -11.64 10.86 4.49
N ASN B 154 -12.21 11.42 5.56
CA ASN B 154 -11.55 12.55 6.24
C ASN B 154 -10.61 12.04 7.38
N TYR B 155 -9.75 11.11 7.01
CA TYR B 155 -8.82 10.49 7.96
C TYR B 155 -7.40 10.64 7.56
N LYS B 156 -6.49 10.49 8.54
CA LYS B 156 -5.06 10.49 8.28
C LYS B 156 -4.51 9.38 9.21
N THR B 157 -3.49 8.69 8.74
CA THR B 157 -2.89 7.54 9.44
C THR B 157 -1.43 7.74 9.58
N THR B 158 -0.90 7.43 10.78
CA THR B 158 0.57 7.58 10.90
C THR B 158 1.28 6.45 10.15
N PRO B 159 2.58 6.61 9.84
CA PRO B 159 3.34 5.50 9.38
C PRO B 159 3.46 4.45 10.48
N PRO B 160 3.70 3.17 10.08
CA PRO B 160 4.10 2.21 11.08
C PRO B 160 5.35 2.65 11.87
N VAL B 161 5.32 2.35 13.18
CA VAL B 161 6.38 2.70 14.16
C VAL B 161 6.86 1.41 14.78
N LEU B 162 8.18 1.25 14.81
CA LEU B 162 8.73 0.11 15.45
C LEU B 162 8.46 0.13 17.00
N ASP B 163 7.94 -0.95 17.55
CA ASP B 163 7.65 -1.02 19.00
C ASP B 163 8.86 -1.74 19.67
N SER B 164 8.82 -1.77 20.99
CA SER B 164 10.01 -2.28 21.73
C SER B 164 10.33 -3.78 21.54
N ASP B 165 9.32 -4.58 21.16
CA ASP B 165 9.49 -6.02 20.82
C ASP B 165 9.83 -6.32 19.38
N GLY B 166 9.93 -5.27 18.56
CA GLY B 166 10.37 -5.43 17.15
C GLY B 166 9.13 -5.61 16.26
N SER B 167 7.95 -5.67 16.87
CA SER B 167 6.69 -5.51 16.06
C SER B 167 6.43 -4.04 15.77
N PHE B 168 5.34 -3.79 14.99
CA PHE B 168 4.94 -2.43 14.62
C PHE B 168 3.56 -2.02 15.14
N PHE B 169 3.37 -0.71 15.38
CA PHE B 169 2.09 -0.15 15.67
C PHE B 169 1.87 1.12 14.81
N LEU B 170 0.59 1.53 14.69
CA LEU B 170 0.26 2.87 14.18
C LEU B 170 -1.06 3.32 14.79
N TYR B 171 -1.41 4.60 14.55
CA TYR B 171 -2.71 5.12 14.89
C TYR B 171 -3.33 5.76 13.66
N SER B 172 -4.64 5.54 13.49
CA SER B 172 -5.41 6.29 12.44
C SER B 172 -6.40 7.25 13.12
N LYS B 173 -6.56 8.44 12.55
CA LYS B 173 -7.42 9.50 13.11
C LYS B 173 -8.49 9.89 12.08
N LEU B 174 -9.76 9.60 12.42
CA LEU B 174 -10.92 10.05 11.62
C LEU B 174 -11.53 11.28 12.24
N THR B 175 -11.60 12.35 11.46
CA THR B 175 -12.18 13.64 11.95
C THR B 175 -13.61 13.79 11.44
N VAL B 176 -14.54 13.94 12.40
CA VAL B 176 -15.99 14.01 12.12
C VAL B 176 -16.63 15.22 12.81
N ASP B 177 -17.71 15.74 12.21
CA ASP B 177 -18.50 16.79 12.86
C ASP B 177 -19.03 16.26 14.18
N LYS B 178 -18.90 17.05 15.26
CA LYS B 178 -19.33 16.60 16.59
C LYS B 178 -20.79 16.11 16.58
N SER B 179 -21.66 16.76 15.78
CA SER B 179 -23.06 16.35 15.48
C SER B 179 -23.20 14.85 15.29
N ARG B 180 -22.37 14.34 14.38
CA ARG B 180 -22.53 12.98 13.92
C ARG B 180 -22.16 12.04 15.04
N TRP B 181 -21.17 12.41 15.86
CA TRP B 181 -20.74 11.55 16.98
C TRP B 181 -21.85 11.51 18.02
N GLN B 182 -22.36 12.71 18.34
CA GLN B 182 -23.39 12.85 19.37
C GLN B 182 -24.76 12.31 18.96
N GLN B 183 -25.06 12.31 17.65
CA GLN B 183 -26.27 11.67 17.17
C GLN B 183 -26.23 10.14 17.31
N GLY B 184 -25.06 9.55 17.64
CA GLY B 184 -25.01 8.10 17.84
C GLY B 184 -24.65 7.30 16.58
N ASN B 185 -24.24 7.98 15.49
CA ASN B 185 -23.80 7.30 14.24
C ASN B 185 -22.67 6.32 14.53
N VAL B 186 -22.70 5.19 13.84
CA VAL B 186 -21.73 4.13 14.06
C VAL B 186 -20.64 4.21 12.99
N PHE B 187 -19.39 4.24 13.48
CA PHE B 187 -18.22 4.30 12.64
C PHE B 187 -17.45 2.96 12.74
N SER B 188 -16.63 2.66 11.74
CA SER B 188 -15.80 1.45 11.82
C SER B 188 -14.40 1.75 11.27
N CYS B 189 -13.41 1.16 11.94
CA CYS B 189 -12.04 1.13 11.45
C CYS B 189 -11.82 -0.27 10.82
N SER B 190 -11.41 -0.30 9.57
CA SER B 190 -11.10 -1.53 8.87
C SER B 190 -9.58 -1.65 8.63
N VAL B 191 -9.03 -2.83 8.87
CA VAL B 191 -7.59 -3.08 8.83
C VAL B 191 -7.28 -4.30 7.95
N MET B 192 -6.36 -4.16 6.98
CA MET B 192 -6.00 -5.18 6.08
C MET B 192 -4.44 -5.47 6.30
N HIS B 193 -4.15 -6.75 6.48
CA HIS B 193 -2.82 -7.26 6.72
C HIS B 193 -2.78 -8.75 6.44
N GLU B 194 -1.61 -9.23 6.01
CA GLU B 194 -1.42 -10.64 5.67
C GLU B 194 -1.69 -11.67 6.79
N ALA B 195 -1.52 -11.26 8.06
CA ALA B 195 -1.61 -12.22 9.14
C ALA B 195 -2.98 -12.22 9.81
N LEU B 196 -3.96 -11.49 9.24
CA LEU B 196 -5.35 -11.61 9.62
C LEU B 196 -6.06 -12.68 8.79
N HIS B 197 -7.05 -13.33 9.40
CA HIS B 197 -7.97 -14.24 8.71
C HIS B 197 -8.73 -13.38 7.67
N ASN B 198 -8.79 -13.89 6.41
CA ASN B 198 -9.39 -13.12 5.23
C ASN B 198 -8.57 -11.88 4.83
N HIS B 199 -7.40 -11.65 5.50
CA HIS B 199 -6.64 -10.41 5.37
C HIS B 199 -7.36 -9.17 5.87
N TYR B 200 -8.42 -9.32 6.65
CA TYR B 200 -9.34 -8.24 6.96
C TYR B 200 -10.04 -8.41 8.30
N THR B 201 -10.10 -7.31 9.02
CA THR B 201 -10.88 -7.21 10.22
C THR B 201 -11.46 -5.78 10.36
N GLN B 202 -12.58 -5.62 11.08
CA GLN B 202 -13.26 -4.32 11.24
C GLN B 202 -13.71 -4.22 12.70
N LYS B 203 -13.51 -3.04 13.31
CA LYS B 203 -13.91 -2.76 14.66
C LYS B 203 -14.83 -1.55 14.64
N SER B 204 -15.91 -1.59 15.44
CA SER B 204 -16.82 -0.48 15.48
C SER B 204 -16.49 0.51 16.55
N LEU B 205 -17.01 1.73 16.39
CA LEU B 205 -16.83 2.84 17.36
C LEU B 205 -18.04 3.78 17.30
N SER B 206 -18.65 4.02 18.44
CA SER B 206 -19.88 4.83 18.50
C SER B 206 -20.19 5.26 19.93
N LEU B 207 -21.06 6.26 20.09
CA LEU B 207 -21.63 6.66 21.39
C LEU B 207 -22.78 5.74 21.80
#